data_9HCL
#
_entry.id   9HCL
#
_cell.length_a   85.918
_cell.length_b   85.918
_cell.length_c   91.110
_cell.angle_alpha   90.00
_cell.angle_beta   90.00
_cell.angle_gamma   120.00
#
_symmetry.space_group_name_H-M   'P 31 2 1'
#
loop_
_entity.id
_entity.type
_entity.pdbx_description
1 polymer 'Telomeric repeat-binding factor 1'
2 non-polymer 2-ethyl-5-(trifluoromethyl)-2,4-dihydro-3H-pyrazol-3-one
3 non-polymer 'DIMETHYL SULFOXIDE'
4 non-polymer GLYCEROL
5 water water
#
_entity_poly.entity_id   1
_entity_poly.type   'polypeptide(L)'
_entity_poly.pdbx_seq_one_letter_code
;SNAQVQVGAPEEEEEEEEDAGLVAEAEAVAAGWMLDFLCLSLCRAFRDGRSEDFRRTRNSAEAIIHGLSSLTACQLRTIY
ICQFLTRIAAGKTLDAQFENDERITPLESALMIWGSIEKEHDKLHEEIQNLIKIQAIAVCMENGNFKEAEEVFERIFGDP
NSHMPFKSKLLMIISQKDTFHSFFQHFSYNHMMEKIKSYVNYVLSEKSSTFLMKAAAKVVESKR
;
_entity_poly.pdbx_strand_id   A
#
loop_
_chem_comp.id
_chem_comp.type
_chem_comp.name
_chem_comp.formula
DMS non-polymer 'DIMETHYL SULFOXIDE' 'C2 H6 O S'
GOL non-polymer GLYCEROL 'C3 H8 O3'
TWC non-polymer 2-ethyl-5-(trifluoromethyl)-2,4-dihydro-3H-pyrazol-3-one 'C6 H7 F3 N2 O'
#
# COMPACT_ATOMS: atom_id res chain seq x y z
N GLU A 18 -39.56 10.47 10.32
CA GLU A 18 -38.18 10.20 9.91
C GLU A 18 -37.86 10.95 8.62
N ASP A 19 -36.66 11.54 8.52
CA ASP A 19 -36.27 12.25 7.31
C ASP A 19 -35.18 11.45 6.60
N ALA A 20 -35.48 10.89 5.41
CA ALA A 20 -34.56 10.08 4.62
C ALA A 20 -33.23 10.81 4.36
N GLY A 21 -33.31 12.12 4.14
CA GLY A 21 -32.14 12.95 3.92
C GLY A 21 -31.23 12.97 5.13
N LEU A 22 -31.80 13.16 6.34
CA LEU A 22 -30.99 13.17 7.56
C LEU A 22 -30.45 11.78 7.89
N VAL A 23 -31.20 10.71 7.55
CA VAL A 23 -30.73 9.34 7.77
C VAL A 23 -29.53 9.09 6.86
N ALA A 24 -29.62 9.53 5.58
CA ALA A 24 -28.52 9.36 4.62
C ALA A 24 -27.27 10.14 5.05
N GLU A 25 -27.45 11.36 5.59
CA GLU A 25 -26.31 12.14 6.06
C GLU A 25 -25.62 11.44 7.22
N ALA A 26 -26.40 10.88 8.16
CA ALA A 26 -25.79 10.17 9.29
C ALA A 26 -25.06 8.90 8.84
N GLU A 27 -25.61 8.21 7.82
CA GLU A 27 -24.91 7.03 7.27
C GLU A 27 -23.55 7.41 6.65
N ALA A 28 -23.48 8.57 5.99
CA ALA A 28 -22.22 9.07 5.40
C ALA A 28 -21.22 9.47 6.50
N VAL A 29 -21.71 10.10 7.61
CA VAL A 29 -20.86 10.44 8.77
C VAL A 29 -20.25 9.12 9.33
N ALA A 30 -21.10 8.10 9.56
CA ALA A 30 -20.62 6.83 10.08
C ALA A 30 -19.66 6.12 9.11
N ALA A 31 -19.86 6.25 7.79
CA ALA A 31 -18.95 5.68 6.79
C ALA A 31 -17.55 6.31 6.93
N GLY A 32 -17.51 7.61 7.18
CA GLY A 32 -16.26 8.32 7.42
C GLY A 32 -15.54 7.78 8.65
N TRP A 33 -16.28 7.54 9.74
CA TRP A 33 -15.68 7.00 10.97
C TRP A 33 -15.18 5.56 10.74
N MET A 34 -15.97 4.75 10.05
CA MET A 34 -15.58 3.38 9.74
C MET A 34 -14.34 3.31 8.85
N LEU A 35 -14.23 4.22 7.87
CA LEU A 35 -13.07 4.29 6.97
C LEU A 35 -11.79 4.55 7.78
N ASP A 36 -11.80 5.53 8.70
CA ASP A 36 -10.61 5.81 9.50
C ASP A 36 -10.23 4.62 10.38
N PHE A 37 -11.23 3.98 11.01
CA PHE A 37 -11.02 2.81 11.85
C PHE A 37 -10.37 1.66 11.03
N LEU A 38 -10.91 1.39 9.86
CA LEU A 38 -10.42 0.30 9.01
C LEU A 38 -9.02 0.63 8.46
N CYS A 39 -8.72 1.91 8.15
CA CYS A 39 -7.38 2.31 7.72
C CYS A 39 -6.37 2.03 8.87
N LEU A 40 -6.72 2.44 10.10
CA LEU A 40 -5.87 2.21 11.28
C LEU A 40 -5.61 0.71 11.48
N SER A 41 -6.65 -0.12 11.33
CA SER A 41 -6.56 -1.58 11.44
C SER A 41 -5.67 -2.17 10.35
N LEU A 42 -5.83 -1.70 9.12
CA LEU A 42 -5.05 -2.15 7.97
C LEU A 42 -3.57 -1.80 8.16
N CYS A 43 -3.28 -0.58 8.66
CA CYS A 43 -1.91 -0.14 8.94
C CYS A 43 -1.25 -1.03 9.98
N ARG A 44 -1.98 -1.35 11.07
CA ARG A 44 -1.43 -2.21 12.12
C ARG A 44 -1.20 -3.61 11.60
N ALA A 45 -2.15 -4.18 10.84
CA ALA A 45 -1.99 -5.51 10.27
C ALA A 45 -0.78 -5.55 9.33
N PHE A 46 -0.60 -4.50 8.50
CA PHE A 46 0.56 -4.41 7.58
C PHE A 46 1.87 -4.36 8.40
N ARG A 47 1.91 -3.50 9.44
CA ARG A 47 3.10 -3.39 10.29
C ARG A 47 3.41 -4.74 11.00
N ASP A 48 2.37 -5.43 11.46
CA ASP A 48 2.54 -6.67 12.20
C ASP A 48 2.77 -7.92 11.34
N GLY A 49 2.53 -7.82 10.03
CA GLY A 49 2.64 -8.96 9.13
C GLY A 49 1.49 -9.93 9.31
N ARG A 50 0.31 -9.44 9.77
CA ARG A 50 -0.84 -10.29 9.98
C ARG A 50 -1.59 -10.28 8.65
N SER A 51 -1.18 -11.17 7.72
CA SER A 51 -1.72 -11.23 6.36
CA SER A 51 -1.73 -11.19 6.37
C SER A 51 -3.21 -11.53 6.28
N GLU A 52 -3.70 -12.50 7.07
CA GLU A 52 -5.12 -12.84 7.02
C GLU A 52 -5.99 -11.72 7.58
N ASP A 53 -5.54 -11.07 8.67
CA ASP A 53 -6.28 -9.92 9.24
C ASP A 53 -6.30 -8.77 8.23
N PHE A 54 -5.15 -8.53 7.55
CA PHE A 54 -5.03 -7.50 6.51
C PHE A 54 -6.03 -7.78 5.40
N ARG A 55 -6.08 -9.04 4.91
CA ARG A 55 -7.01 -9.44 3.86
C ARG A 55 -8.46 -9.15 4.23
N ARG A 56 -8.86 -9.50 5.49
CA ARG A 56 -10.25 -9.24 5.94
C ARG A 56 -10.54 -7.74 6.08
N THR A 57 -9.59 -7.00 6.65
CA THR A 57 -9.74 -5.56 6.85
C THR A 57 -9.85 -4.82 5.51
N ARG A 58 -9.05 -5.25 4.52
CA ARG A 58 -9.09 -4.65 3.21
C ARG A 58 -10.45 -4.87 2.53
N ASN A 59 -11.02 -6.07 2.66
CA ASN A 59 -12.35 -6.37 2.11
C ASN A 59 -13.39 -5.44 2.77
N SER A 60 -13.31 -5.26 4.10
CA SER A 60 -14.23 -4.37 4.79
C SER A 60 -14.05 -2.92 4.34
N ALA A 61 -12.80 -2.45 4.20
CA ALA A 61 -12.54 -1.07 3.76
C ALA A 61 -13.14 -0.84 2.36
N GLU A 62 -12.91 -1.75 1.40
CA GLU A 62 -13.47 -1.57 0.06
C GLU A 62 -15.01 -1.53 0.10
N ALA A 63 -15.66 -2.39 0.91
CA ALA A 63 -17.14 -2.35 1.00
C ALA A 63 -17.60 -1.01 1.64
N ILE A 64 -17.00 -0.60 2.77
CA ILE A 64 -17.38 0.63 3.47
C ILE A 64 -17.22 1.89 2.62
N ILE A 65 -16.16 1.94 1.79
CA ILE A 65 -15.87 3.09 0.93
C ILE A 65 -17.02 3.37 -0.07
N HIS A 66 -17.81 2.33 -0.44
CA HIS A 66 -19.01 2.53 -1.31
C HIS A 66 -20.09 3.39 -0.61
N GLY A 67 -20.04 3.52 0.70
CA GLY A 67 -20.97 4.35 1.46
C GLY A 67 -20.70 5.84 1.38
N LEU A 68 -19.60 6.22 0.69
CA LEU A 68 -19.23 7.61 0.47
C LEU A 68 -19.23 7.87 -1.03
N SER A 69 -19.97 8.88 -1.48
CA SER A 69 -19.99 9.23 -2.90
C SER A 69 -19.15 10.52 -3.18
N SER A 70 -18.93 11.34 -2.12
CA SER A 70 -18.19 12.59 -2.17
C SER A 70 -17.17 12.51 -1.04
N LEU A 71 -15.88 12.59 -1.37
CA LEU A 71 -14.83 12.50 -0.36
C LEU A 71 -14.09 13.81 -0.17
N THR A 72 -13.73 14.12 1.08
CA THR A 72 -12.90 15.27 1.40
C THR A 72 -11.43 14.92 0.99
N ALA A 73 -10.54 15.92 1.00
CA ALA A 73 -9.12 15.68 0.67
C ALA A 73 -8.49 14.64 1.63
N CYS A 74 -8.85 14.69 2.92
N CYS A 74 -8.84 14.68 2.92
CA CYS A 74 -8.32 13.76 3.92
CA CYS A 74 -8.29 13.74 3.89
C CYS A 74 -8.83 12.34 3.65
C CYS A 74 -8.83 12.33 3.67
N GLN A 75 -10.12 12.21 3.29
CA GLN A 75 -10.71 10.90 3.00
C GLN A 75 -10.11 10.28 1.74
N LEU A 76 -9.82 11.12 0.72
CA LEU A 76 -9.15 10.65 -0.51
C LEU A 76 -7.77 10.11 -0.13
N ARG A 77 -7.01 10.85 0.70
CA ARG A 77 -5.70 10.36 1.16
C ARG A 77 -5.84 9.01 1.89
N THR A 78 -6.85 8.87 2.77
CA THR A 78 -7.07 7.61 3.48
C THR A 78 -7.35 6.43 2.52
N ILE A 79 -8.28 6.60 1.54
CA ILE A 79 -8.54 5.49 0.61
C ILE A 79 -7.30 5.14 -0.22
N TYR A 80 -6.49 6.14 -0.65
CA TYR A 80 -5.31 5.84 -1.46
C TYR A 80 -4.21 5.18 -0.65
N ILE A 81 -4.11 5.48 0.65
CA ILE A 81 -3.16 4.77 1.52
C ILE A 81 -3.57 3.28 1.59
N CYS A 82 -4.87 3.02 1.75
CA CYS A 82 -5.40 1.64 1.80
C CYS A 82 -5.11 0.91 0.48
N GLN A 83 -5.39 1.58 -0.65
CA GLN A 83 -5.10 0.99 -1.96
C GLN A 83 -3.59 0.75 -2.14
N PHE A 84 -2.76 1.70 -1.74
CA PHE A 84 -1.30 1.58 -1.83
C PHE A 84 -0.80 0.38 -1.03
N LEU A 85 -1.19 0.25 0.25
CA LEU A 85 -0.72 -0.88 1.08
C LEU A 85 -1.20 -2.22 0.55
N THR A 86 -2.39 -2.25 -0.07
CA THR A 86 -2.91 -3.48 -0.67
C THR A 86 -1.94 -4.00 -1.77
N ARG A 87 -1.45 -3.10 -2.63
CA ARG A 87 -0.53 -3.43 -3.71
C ARG A 87 0.85 -3.81 -3.17
N ILE A 88 1.34 -3.09 -2.12
CA ILE A 88 2.64 -3.46 -1.50
C ILE A 88 2.53 -4.85 -0.89
N ALA A 89 1.42 -5.13 -0.15
CA ALA A 89 1.21 -6.44 0.49
C ALA A 89 1.13 -7.60 -0.53
N ALA A 90 0.58 -7.34 -1.72
CA ALA A 90 0.50 -8.32 -2.80
C ALA A 90 1.72 -8.26 -3.78
N GLY A 91 2.78 -7.55 -3.42
CA GLY A 91 3.96 -7.35 -4.28
C GLY A 91 4.57 -8.58 -4.92
N LYS A 92 4.66 -9.69 -4.18
CA LYS A 92 5.24 -10.93 -4.70
C LYS A 92 4.19 -11.95 -5.19
N THR A 93 2.92 -11.54 -5.34
CA THR A 93 1.85 -12.47 -5.73
C THR A 93 2.10 -13.21 -7.04
N LEU A 94 1.70 -14.47 -7.09
CA LEU A 94 1.78 -15.28 -8.30
C LEU A 94 0.42 -15.35 -9.05
N ASP A 95 -0.62 -14.66 -8.51
CA ASP A 95 -1.96 -14.61 -9.04
C ASP A 95 -1.96 -13.54 -10.13
N ALA A 96 -2.31 -13.97 -11.35
CA ALA A 96 -2.34 -13.13 -12.54
C ALA A 96 -3.59 -12.27 -12.75
N GLN A 97 -4.66 -12.40 -11.91
CA GLN A 97 -5.89 -11.62 -12.12
C GLN A 97 -5.70 -10.08 -12.16
N PHE A 98 -4.83 -9.54 -11.29
CA PHE A 98 -4.59 -8.10 -11.27
C PHE A 98 -3.91 -7.68 -12.57
N GLU A 99 -2.84 -8.38 -12.95
CA GLU A 99 -2.12 -8.07 -14.19
C GLU A 99 -2.95 -8.32 -15.43
N ASN A 100 -3.86 -9.30 -15.40
CA ASN A 100 -4.75 -9.54 -16.54
C ASN A 100 -5.66 -8.32 -16.78
N ASP A 101 -6.08 -7.63 -15.69
CA ASP A 101 -6.94 -6.43 -15.75
CA ASP A 101 -6.93 -6.45 -15.84
C ASP A 101 -6.15 -5.17 -16.09
N GLU A 102 -5.06 -4.93 -15.35
CA GLU A 102 -4.32 -3.68 -15.48
C GLU A 102 -3.14 -3.69 -16.43
N ARG A 103 -2.68 -4.89 -16.82
CA ARG A 103 -1.52 -5.08 -17.69
C ARG A 103 -0.22 -4.52 -17.06
N ILE A 104 -0.21 -4.38 -15.73
CA ILE A 104 0.96 -4.03 -14.91
C ILE A 104 0.94 -4.90 -13.63
N THR A 105 2.07 -4.96 -12.92
CA THR A 105 2.18 -5.72 -11.68
C THR A 105 1.69 -4.88 -10.48
N PRO A 106 1.38 -5.54 -9.33
CA PRO A 106 0.95 -4.78 -8.14
C PRO A 106 1.95 -3.70 -7.69
N LEU A 107 3.27 -3.98 -7.71
CA LEU A 107 4.25 -2.96 -7.32
C LEU A 107 4.24 -1.76 -8.25
N GLU A 108 4.01 -1.97 -9.56
CA GLU A 108 3.86 -0.87 -10.50
C GLU A 108 2.64 -0.03 -10.18
N SER A 109 1.51 -0.65 -9.77
CA SER A 109 0.31 0.07 -9.40
C SER A 109 0.55 0.86 -8.10
N ALA A 110 1.27 0.27 -7.14
CA ALA A 110 1.63 0.95 -5.88
C ALA A 110 2.43 2.25 -6.21
N LEU A 111 3.33 2.17 -7.20
CA LEU A 111 4.14 3.29 -7.70
C LEU A 111 3.25 4.39 -8.28
N MET A 112 2.20 4.02 -9.04
CA MET A 112 1.28 5.00 -9.61
C MET A 112 0.56 5.75 -8.51
N ILE A 113 0.12 5.03 -7.46
CA ILE A 113 -0.58 5.68 -6.36
C ILE A 113 0.37 6.58 -5.58
N TRP A 114 1.56 6.07 -5.27
CA TRP A 114 2.59 6.79 -4.53
C TRP A 114 2.94 8.10 -5.20
N GLY A 115 3.02 8.09 -6.53
CA GLY A 115 3.29 9.28 -7.32
C GLY A 115 2.32 10.41 -7.17
N SER A 116 1.22 10.21 -6.39
CA SER A 116 0.22 11.27 -6.15
C SER A 116 -0.01 11.57 -4.67
N ILE A 117 0.32 10.65 -3.75
CA ILE A 117 0.15 10.92 -2.31
N HIS A 121 7.37 15.16 3.34
CA HIS A 121 8.56 14.32 3.49
C HIS A 121 9.07 13.91 2.11
N ASP A 122 9.66 14.86 1.36
CA ASP A 122 10.14 14.55 0.00
C ASP A 122 11.32 13.58 -0.04
N LYS A 123 12.21 13.60 0.97
CA LYS A 123 13.35 12.66 1.00
C LYS A 123 12.83 11.23 1.19
N LEU A 124 11.98 11.00 2.22
CA LEU A 124 11.40 9.67 2.44
C LEU A 124 10.51 9.25 1.26
N HIS A 125 9.80 10.20 0.65
CA HIS A 125 8.95 9.90 -0.51
C HIS A 125 9.79 9.37 -1.68
N GLU A 126 10.92 10.04 -1.97
CA GLU A 126 11.82 9.65 -3.05
C GLU A 126 12.49 8.30 -2.77
N GLU A 127 12.86 8.04 -1.50
CA GLU A 127 13.50 6.77 -1.14
C GLU A 127 12.54 5.63 -1.35
N ILE A 128 11.28 5.78 -0.90
CA ILE A 128 10.27 4.74 -1.11
C ILE A 128 10.01 4.53 -2.61
N GLN A 129 9.90 5.63 -3.37
CA GLN A 129 9.66 5.58 -4.81
C GLN A 129 10.73 4.73 -5.53
N ASN A 130 12.01 4.99 -5.25
CA ASN A 130 13.09 4.27 -5.91
C ASN A 130 13.17 2.82 -5.46
N LEU A 131 12.86 2.54 -4.18
CA LEU A 131 12.86 1.17 -3.69
C LEU A 131 11.77 0.37 -4.36
N ILE A 132 10.58 0.97 -4.55
CA ILE A 132 9.49 0.27 -5.22
C ILE A 132 9.86 0.04 -6.70
N LYS A 133 10.48 1.03 -7.36
CA LYS A 133 10.87 0.93 -8.77
C LYS A 133 11.80 -0.29 -8.99
N ILE A 134 12.81 -0.42 -8.14
CA ILE A 134 13.75 -1.53 -8.29
C ILE A 134 13.12 -2.85 -7.90
N GLN A 135 12.37 -2.88 -6.79
CA GLN A 135 11.72 -4.10 -6.34
C GLN A 135 10.62 -4.59 -7.27
N ALA A 136 10.01 -3.69 -8.06
CA ALA A 136 9.02 -4.13 -9.05
C ALA A 136 9.68 -5.11 -10.07
N ILE A 137 10.96 -4.88 -10.39
CA ILE A 137 11.74 -5.75 -11.26
C ILE A 137 12.22 -6.97 -10.46
N ALA A 138 12.82 -6.74 -9.27
CA ALA A 138 13.42 -7.79 -8.46
C ALA A 138 12.44 -8.88 -8.03
N VAL A 139 11.18 -8.54 -7.70
CA VAL A 139 10.23 -9.58 -7.29
C VAL A 139 9.94 -10.54 -8.45
N CYS A 140 9.97 -10.06 -9.71
CA CYS A 140 9.78 -10.90 -10.89
C CYS A 140 10.94 -11.87 -11.02
N MET A 141 12.18 -11.37 -10.80
CA MET A 141 13.38 -12.22 -10.85
C MET A 141 13.33 -13.27 -9.73
N GLU A 142 12.90 -12.88 -8.52
CA GLU A 142 12.79 -13.81 -7.39
C GLU A 142 11.82 -14.97 -7.74
N ASN A 143 10.73 -14.64 -8.44
CA ASN A 143 9.73 -15.60 -8.88
C ASN A 143 10.13 -16.39 -10.14
N GLY A 144 11.31 -16.13 -10.71
CA GLY A 144 11.79 -16.80 -11.91
C GLY A 144 11.12 -16.34 -13.20
N ASN A 145 10.44 -15.19 -13.16
CA ASN A 145 9.76 -14.63 -14.36
C ASN A 145 10.61 -13.48 -14.91
N PHE A 146 11.64 -13.78 -15.70
CA PHE A 146 12.59 -12.74 -16.19
C PHE A 146 12.00 -11.99 -17.39
N LYS A 147 11.08 -12.59 -18.12
CA LYS A 147 10.41 -11.87 -19.24
C LYS A 147 9.57 -10.73 -18.63
N GLU A 148 8.91 -11.00 -17.51
CA GLU A 148 8.09 -9.95 -16.84
C GLU A 148 9.02 -8.91 -16.21
N ALA A 149 10.18 -9.35 -15.71
CA ALA A 149 11.15 -8.42 -15.11
C ALA A 149 11.59 -7.41 -16.18
N GLU A 150 11.85 -7.91 -17.39
CA GLU A 150 12.27 -7.01 -18.50
C GLU A 150 11.08 -6.16 -18.94
N GLU A 151 9.87 -6.72 -18.93
CA GLU A 151 8.70 -5.93 -19.29
C GLU A 151 8.41 -4.80 -18.28
N VAL A 152 8.61 -5.07 -16.98
CA VAL A 152 8.45 -4.12 -15.90
C VAL A 152 9.53 -3.03 -16.04
N PHE A 153 10.79 -3.44 -16.28
CA PHE A 153 11.89 -2.50 -16.52
C PHE A 153 11.55 -1.55 -17.68
N GLU A 154 11.03 -2.09 -18.80
CA GLU A 154 10.72 -1.24 -19.97
C GLU A 154 9.60 -0.26 -19.66
N ARG A 155 8.59 -0.67 -18.87
CA ARG A 155 7.49 0.23 -18.53
C ARG A 155 7.96 1.34 -17.56
N ILE A 156 8.84 1.01 -16.61
CA ILE A 156 9.35 1.98 -15.64
C ILE A 156 10.52 2.86 -16.15
N PHE A 157 11.51 2.28 -16.81
CA PHE A 157 12.72 2.98 -17.27
C PHE A 157 12.89 3.10 -18.79
N GLY A 158 11.88 2.74 -19.57
CA GLY A 158 11.97 2.84 -21.02
C GLY A 158 11.67 4.23 -21.53
N MET A 164 21.15 5.72 -20.76
CA MET A 164 21.60 5.76 -19.34
C MET A 164 22.46 4.53 -19.03
N PRO A 165 23.63 4.69 -18.38
CA PRO A 165 24.49 3.56 -18.01
C PRO A 165 23.86 2.69 -16.91
N PHE A 166 23.23 3.31 -15.91
CA PHE A 166 22.54 2.53 -14.85
C PHE A 166 21.44 1.69 -15.51
N LYS A 167 20.69 2.30 -16.42
CA LYS A 167 19.59 1.57 -17.12
C LYS A 167 20.19 0.40 -17.88
N SER A 168 21.39 0.59 -18.46
N SER A 168 21.38 0.60 -18.48
CA SER A 168 22.06 -0.49 -19.22
CA SER A 168 22.06 -0.49 -19.22
C SER A 168 22.55 -1.57 -18.25
C SER A 168 22.53 -1.57 -18.24
N LYS A 169 23.05 -1.14 -17.09
CA LYS A 169 23.52 -2.11 -16.06
C LYS A 169 22.33 -2.93 -15.57
N LEU A 170 21.21 -2.25 -15.29
CA LEU A 170 20.03 -2.94 -14.80
C LEU A 170 19.50 -3.90 -15.89
N LEU A 171 19.54 -3.48 -17.16
CA LEU A 171 19.13 -4.33 -18.28
C LEU A 171 20.05 -5.57 -18.36
N MET A 172 21.38 -5.39 -18.16
CA MET A 172 22.33 -6.52 -18.16
C MET A 172 22.06 -7.47 -17.00
N ILE A 173 21.71 -6.92 -15.82
CA ILE A 173 21.39 -7.73 -14.63
C ILE A 173 20.22 -8.64 -14.92
N ILE A 174 19.14 -8.09 -15.53
CA ILE A 174 17.97 -8.88 -15.84
C ILE A 174 18.32 -9.94 -16.88
N SER A 175 19.05 -9.53 -17.93
CA SER A 175 19.45 -10.38 -19.04
C SER A 175 20.26 -11.62 -18.56
N GLN A 176 21.14 -11.40 -17.61
CA GLN A 176 22.01 -12.46 -17.06
C GLN A 176 21.38 -13.20 -15.86
N LYS A 177 20.14 -12.84 -15.47
CA LYS A 177 19.43 -13.40 -14.32
C LYS A 177 20.29 -13.26 -13.05
N ASP A 178 20.90 -12.06 -12.88
CA ASP A 178 21.84 -11.79 -11.81
C ASP A 178 21.06 -11.26 -10.60
N THR A 179 20.18 -12.11 -10.07
CA THR A 179 19.24 -11.79 -9.00
C THR A 179 19.87 -11.29 -7.73
N PHE A 180 21.11 -11.76 -7.44
CA PHE A 180 21.82 -11.38 -6.23
C PHE A 180 22.95 -10.42 -6.52
N HIS A 181 22.86 -9.61 -7.60
CA HIS A 181 23.85 -8.56 -7.89
C HIS A 181 23.89 -7.58 -6.69
N SER A 182 25.06 -7.01 -6.38
CA SER A 182 25.21 -6.09 -5.25
C SER A 182 24.25 -4.90 -5.29
N PHE A 183 23.76 -4.52 -6.50
CA PHE A 183 22.82 -3.43 -6.67
C PHE A 183 21.58 -3.60 -5.79
N PHE A 184 21.16 -4.85 -5.57
CA PHE A 184 20.00 -5.15 -4.74
C PHE A 184 20.26 -5.17 -3.24
N GLN A 185 21.49 -4.90 -2.79
CA GLN A 185 21.76 -4.86 -1.34
C GLN A 185 21.21 -3.54 -0.82
N HIS A 186 21.50 -2.42 -1.51
CA HIS A 186 20.94 -1.14 -1.11
C HIS A 186 19.45 -1.12 -1.47
N PHE A 187 19.09 -1.61 -2.69
CA PHE A 187 17.69 -1.59 -3.15
C PHE A 187 17.00 -2.94 -2.90
N SER A 188 16.97 -3.37 -1.65
CA SER A 188 16.41 -4.65 -1.25
C SER A 188 14.93 -4.60 -0.92
N TYR A 189 14.34 -5.79 -0.88
CA TYR A 189 12.95 -5.96 -0.52
C TYR A 189 12.76 -5.54 0.94
N ASN A 190 13.67 -5.96 1.83
CA ASN A 190 13.60 -5.61 3.24
C ASN A 190 13.74 -4.10 3.45
N HIS A 191 14.63 -3.41 2.70
CA HIS A 191 14.75 -1.96 2.84
C HIS A 191 13.48 -1.25 2.37
N MET A 192 12.85 -1.76 1.30
CA MET A 192 11.58 -1.20 0.83
C MET A 192 10.49 -1.36 1.92
N MET A 193 10.39 -2.55 2.51
CA MET A 193 9.41 -2.80 3.57
C MET A 193 9.71 -1.95 4.82
N GLU A 194 11.00 -1.80 5.20
CA GLU A 194 11.36 -0.98 6.37
C GLU A 194 10.96 0.50 6.16
N LYS A 195 11.27 1.07 4.98
CA LYS A 195 10.94 2.47 4.72
C LYS A 195 9.43 2.67 4.65
N ILE A 196 8.71 1.71 4.07
CA ILE A 196 7.24 1.81 3.99
C ILE A 196 6.61 1.67 5.37
N LYS A 197 7.15 0.78 6.22
CA LYS A 197 6.66 0.64 7.58
C LYS A 197 6.92 1.91 8.40
N SER A 198 8.02 2.64 8.15
N SER A 198 8.02 2.63 8.16
CA SER A 198 8.25 3.89 8.89
CA SER A 198 8.28 3.87 8.88
C SER A 198 7.17 4.90 8.50
C SER A 198 7.24 4.94 8.48
N TYR A 199 6.81 4.96 7.21
CA TYR A 199 5.77 5.85 6.73
C TYR A 199 4.42 5.43 7.36
N VAL A 200 4.13 4.11 7.42
CA VAL A 200 2.92 3.56 8.03
C VAL A 200 2.83 3.96 9.52
N ASN A 201 3.97 4.02 10.23
CA ASN A 201 3.97 4.47 11.63
C ASN A 201 3.50 5.91 11.76
N TYR A 202 3.80 6.76 10.78
CA TYR A 202 3.33 8.15 10.80
C TYR A 202 1.81 8.20 10.58
N VAL A 203 1.28 7.36 9.65
CA VAL A 203 -0.17 7.28 9.40
C VAL A 203 -0.88 6.79 10.65
N LEU A 204 -0.31 5.77 11.31
CA LEU A 204 -0.79 5.20 12.56
C LEU A 204 -0.91 6.24 13.66
N SER A 205 0.13 7.07 13.88
N SER A 205 0.08 7.13 13.80
CA SER A 205 0.08 8.08 14.95
CA SER A 205 0.03 8.16 14.83
C SER A 205 -0.87 9.25 14.64
C SER A 205 -1.09 9.17 14.53
N GLU A 206 -1.17 9.48 13.37
N GLU A 206 -1.16 9.67 13.28
CA GLU A 206 -2.08 10.53 12.94
CA GLU A 206 -2.18 10.62 12.85
C GLU A 206 -3.53 10.07 13.16
C GLU A 206 -3.60 10.10 13.06
N LYS A 207 -3.83 8.80 12.84
CA LYS A 207 -5.18 8.23 12.99
C LYS A 207 -5.46 7.54 14.32
N SER A 208 -4.45 7.41 15.19
CA SER A 208 -4.61 6.71 16.47
C SER A 208 -5.72 7.26 17.37
N SER A 209 -6.05 8.56 17.26
CA SER A 209 -7.10 9.14 18.08
C SER A 209 -8.39 9.44 17.31
N THR A 210 -8.63 8.75 16.19
CA THR A 210 -9.88 8.94 15.44
C THR A 210 -11.05 8.36 16.25
N PHE A 211 -12.25 8.92 16.04
CA PHE A 211 -13.44 8.65 16.83
C PHE A 211 -13.69 7.19 17.22
N LEU A 212 -13.85 6.29 16.25
CA LEU A 212 -14.26 4.93 16.53
C LEU A 212 -13.27 4.12 17.34
N MET A 213 -11.96 4.16 17.00
CA MET A 213 -10.97 3.42 17.77
C MET A 213 -10.80 3.99 19.17
N LYS A 214 -10.91 5.32 19.33
CA LYS A 214 -10.79 5.95 20.63
C LYS A 214 -11.95 5.53 21.56
N ALA A 215 -13.17 5.46 21.04
CA ALA A 215 -14.32 5.04 21.82
C ALA A 215 -14.18 3.55 22.19
N ALA A 216 -13.73 2.72 21.23
CA ALA A 216 -13.53 1.29 21.44
C ALA A 216 -12.44 1.02 22.48
N ALA A 217 -11.34 1.77 22.43
CA ALA A 217 -10.24 1.61 23.40
C ALA A 217 -10.69 2.00 24.81
N LYS A 218 -11.55 3.02 24.91
CA LYS A 218 -12.13 3.50 26.16
C LYS A 218 -13.01 2.40 26.77
N VAL A 219 -13.78 1.67 25.95
CA VAL A 219 -14.61 0.57 26.42
C VAL A 219 -13.74 -0.56 26.98
N VAL A 220 -12.68 -0.95 26.24
CA VAL A 220 -11.75 -2.00 26.66
C VAL A 220 -10.99 -1.64 27.95
N GLU A 221 -10.54 -0.39 28.07
CA GLU A 221 -9.83 0.09 29.27
C GLU A 221 -10.75 0.10 30.52
N SER A 222 -12.07 0.29 30.31
N SER A 222 -12.06 0.29 30.31
CA SER A 222 -13.03 0.29 31.40
CA SER A 222 -13.02 0.30 31.41
C SER A 222 -13.32 -1.12 31.96
C SER A 222 -13.33 -1.12 31.95
N LYS A 223 -12.99 -2.17 31.19
CA LYS A 223 -13.20 -3.55 31.62
C LYS A 223 -11.94 -4.14 32.28
N ARG A 224 -11.03 -3.32 32.81
CA ARG A 224 -9.81 -3.80 33.44
C ARG A 224 -9.36 -2.91 34.60
N1 TWC B . -9.93 -0.67 -2.79
C4 TWC B . -8.16 -1.82 -3.67
C5 TWC B . -9.34 -0.32 -0.46
N TWC B . -9.37 -1.23 -3.92
C TWC B . -9.50 -0.01 -6.06
O TWC B . -7.50 -2.42 -4.50
C1 TWC B . -10.02 -1.16 -5.24
C2 TWC B . -9.09 -0.84 -1.83
C3 TWC B . -7.86 -1.61 -2.22
F TWC B . -10.56 -0.58 -0.03
F1 TWC B . -9.19 1.01 -0.39
F2 TWC B . -8.52 -0.85 0.45
N1 TWC C . -5.40 -7.15 -5.39
C4 TWC C . -6.80 -5.36 -5.11
C5 TWC C . -3.27 -6.17 -5.99
N TWC C . -6.56 -6.68 -4.81
C TWC C . -6.74 -7.83 -2.68
O TWC C . -7.83 -4.77 -4.87
C1 TWC C . -7.41 -7.56 -4.00
C2 TWC C . -4.73 -6.11 -5.72
C3 TWC C . -5.54 -4.85 -5.73
F TWC C . -2.57 -5.99 -4.88
F1 TWC C . -2.85 -5.25 -6.85
F2 TWC C . -2.90 -7.35 -6.48
S DMS D . -10.61 -11.51 13.72
O DMS D . -11.00 -12.72 12.91
C1 DMS D . -11.41 -11.69 15.33
C2 DMS D . -8.93 -11.76 14.32
S DMS E . -6.56 11.66 10.04
O DMS E . -7.85 11.50 9.29
C1 DMS E . -5.74 13.14 9.38
C2 DMS E . -6.98 12.42 11.64
S DMS F . 5.71 -11.03 -10.46
O DMS F . 6.56 -12.27 -10.44
C1 DMS F . 4.02 -11.57 -10.83
C2 DMS F . 5.36 -10.58 -8.74
S DMS G . 17.11 4.28 -9.40
O DMS G . 17.66 3.32 -8.41
C1 DMS G . 15.31 4.15 -9.35
C2 DMS G . 17.24 5.94 -8.69
S DMS H . 25.99 -1.71 -7.34
O DMS H . 27.17 -1.88 -8.25
C1 DMS H . 26.61 -1.45 -5.66
C2 DMS H . 25.42 0.00 -7.56
C1 GOL I . -7.95 -5.18 -10.44
O1 GOL I . -8.75 -5.71 -11.48
C2 GOL I . -8.47 -3.84 -9.99
O2 GOL I . -9.89 -3.89 -9.86
C3 GOL I . -7.87 -3.42 -8.67
O3 GOL I . -8.09 -2.04 -8.44
N1 TWC J . 2.72 -7.47 5.76
C4 TWC J . 3.89 -8.38 4.01
C5 TWC J . 0.38 -7.85 5.18
N TWC J . 3.97 -7.78 5.25
C TWC J . 5.60 -8.49 6.96
O TWC J . 4.85 -8.65 3.30
C1 TWC J . 5.19 -7.43 5.98
C2 TWC J . 1.85 -7.95 4.95
C3 TWC J . 2.44 -8.63 3.74
F TWC J . 0.06 -8.22 6.42
F1 TWC J . -0.33 -8.60 4.36
F2 TWC J . -0.05 -6.59 5.04
#